data_3DO8
#
_entry.id   3DO8
#
_cell.length_a   49.001
_cell.length_b   63.781
_cell.length_c   47.047
_cell.angle_alpha   90.00
_cell.angle_beta   102.30
_cell.angle_gamma   90.00
#
_symmetry.space_group_name_H-M   'P 1 21 1'
#
loop_
_entity.id
_entity.type
_entity.pdbx_description
1 polymer 'Phosphopantetheine adenylyltransferase'
2 water water
#
_entity_poly.entity_id   1
_entity_poly.type   'polypeptide(L)'
_entity_poly.pdbx_seq_one_letter_code
;MKVALGGTFEPLHEGHKKLIDVAIKLGGRDITIGVTSDRMARARIRSVLPFAIRAENVKRYVMRKYGFEPEIVKITNPYG
KTLDVDFEYLVVSPETYEMALKINQKREELGKRKITIVKVDWMMAEDGKPISSTRIKRGEIDRYGGII
;
_entity_poly.pdbx_strand_id   A,B
#
# COMPACT_ATOMS: atom_id res chain seq x y z
N MET A 1 -17.47 2.87 -0.02
CA MET A 1 -16.52 3.23 -1.09
C MET A 1 -15.18 2.52 -0.80
N LYS A 2 -14.52 1.92 -1.79
CA LYS A 2 -13.53 0.97 -1.42
C LYS A 2 -12.28 1.76 -0.95
N VAL A 3 -11.80 2.74 -1.74
CA VAL A 3 -10.46 3.33 -1.47
C VAL A 3 -10.49 4.87 -1.54
N ALA A 4 -9.94 5.52 -0.51
CA ALA A 4 -9.70 6.96 -0.43
C ALA A 4 -8.25 7.32 -0.72
N LEU A 5 -8.05 8.36 -1.52
CA LEU A 5 -6.76 8.93 -1.83
C LEU A 5 -7.00 10.43 -1.96
N GLY A 6 -6.07 11.24 -1.47
CA GLY A 6 -6.19 12.68 -1.58
C GLY A 6 -4.88 13.36 -1.85
N GLY A 7 -4.96 14.59 -2.36
CA GLY A 7 -3.76 15.36 -2.63
C GLY A 7 -4.05 16.68 -3.28
N THR A 8 -2.98 17.46 -3.45
CA THR A 8 -3.01 18.70 -4.21
C THR A 8 -2.61 18.42 -5.66
N PHE A 9 -1.64 17.53 -5.87
CA PHE A 9 -1.25 17.06 -7.22
C PHE A 9 -0.69 18.18 -8.06
N GLU A 10 0.17 19.00 -7.46
CA GLU A 10 0.84 20.07 -8.21
C GLU A 10 2.33 20.06 -7.94
N PRO A 11 3.14 19.70 -8.94
CA PRO A 11 2.71 19.08 -10.18
C PRO A 11 2.37 17.60 -9.88
N LEU A 12 1.85 16.92 -10.89
CA LEU A 12 1.54 15.51 -10.78
C LEU A 12 2.82 14.71 -11.04
N HIS A 13 3.46 14.23 -9.99
CA HIS A 13 4.80 13.64 -10.08
C HIS A 13 4.79 12.15 -9.87
N GLU A 14 5.97 11.54 -9.93
CA GLU A 14 6.09 10.09 -9.92
C GLU A 14 5.57 9.50 -8.60
N GLY A 15 5.74 10.24 -7.52
CA GLY A 15 5.17 9.85 -6.23
C GLY A 15 3.66 9.71 -6.30
N HIS A 16 3.00 10.74 -6.83
CA HIS A 16 1.55 10.71 -6.98
C HIS A 16 1.15 9.51 -7.84
N LYS A 17 1.88 9.26 -8.91
CA LYS A 17 1.58 8.14 -9.77
C LYS A 17 1.68 6.80 -9.05
N LYS A 18 2.61 6.67 -8.10
CA LYS A 18 2.67 5.45 -7.30
C LYS A 18 1.44 5.32 -6.42
N LEU A 19 1.05 6.41 -5.79
CA LEU A 19 -0.14 6.40 -4.95
C LEU A 19 -1.37 5.97 -5.76
N ILE A 20 -1.51 6.58 -6.94
CA ILE A 20 -2.65 6.31 -7.80
C ILE A 20 -2.65 4.85 -8.23
N ASP A 21 -1.46 4.31 -8.56
CA ASP A 21 -1.38 2.90 -9.01
C ASP A 21 -1.85 1.99 -7.88
N VAL A 22 -1.36 2.23 -6.68
CA VAL A 22 -1.72 1.38 -5.54
C VAL A 22 -3.25 1.51 -5.30
N ALA A 23 -3.77 2.73 -5.31
CA ALA A 23 -5.19 2.93 -5.04
C ALA A 23 -6.06 2.21 -6.06
N ILE A 24 -5.70 2.29 -7.35
CA ILE A 24 -6.48 1.65 -8.40
C ILE A 24 -6.38 0.13 -8.36
N LYS A 25 -5.21 -0.38 -8.06
CA LYS A 25 -5.05 -1.81 -7.89
C LYS A 25 -5.90 -2.31 -6.72
N LEU A 26 -6.01 -1.52 -5.66
CA LEU A 26 -6.81 -1.92 -4.51
C LEU A 26 -8.29 -1.80 -4.77
N GLY A 27 -8.71 -0.72 -5.44
CA GLY A 27 -10.13 -0.35 -5.51
C GLY A 27 -10.80 -0.41 -6.87
N GLY A 28 -10.01 -0.49 -7.93
CA GLY A 28 -10.54 -0.43 -9.28
C GLY A 28 -11.23 0.91 -9.50
N ARG A 29 -12.45 0.88 -10.02
CA ARG A 29 -13.26 2.08 -10.21
C ARG A 29 -13.89 2.59 -8.91
N ASP A 30 -13.76 1.82 -7.83
CA ASP A 30 -14.42 2.11 -6.55
C ASP A 30 -13.45 2.91 -5.70
N ILE A 31 -12.90 3.93 -6.29
CA ILE A 31 -11.97 4.84 -5.62
C ILE A 31 -12.55 6.23 -5.74
N THR A 32 -12.18 7.05 -4.76
CA THR A 32 -12.46 8.47 -4.78
C THR A 32 -11.16 9.18 -4.59
N ILE A 33 -10.83 10.06 -5.54
CA ILE A 33 -9.64 10.87 -5.45
C ILE A 33 -10.05 12.28 -5.03
N GLY A 34 -9.60 12.69 -3.86
CA GLY A 34 -9.82 14.04 -3.38
C GLY A 34 -8.73 14.93 -3.93
N VAL A 35 -9.12 16.09 -4.44
CA VAL A 35 -8.17 17.10 -4.87
C VAL A 35 -8.44 18.37 -4.04
N THR A 36 -7.39 18.93 -3.43
CA THR A 36 -7.54 20.05 -2.53
C THR A 36 -8.11 21.28 -3.25
N SER A 37 -9.00 22.00 -2.57
CA SER A 37 -9.43 23.31 -3.04
C SER A 37 -8.22 24.27 -3.16
N ASP A 38 -8.39 25.36 -3.90
CA ASP A 38 -7.33 26.38 -4.00
C ASP A 38 -6.91 26.89 -2.62
N ARG A 39 -7.88 27.11 -1.75
CA ARG A 39 -7.59 27.63 -0.40
C ARG A 39 -6.62 26.73 0.33
N MET A 40 -6.95 25.44 0.29
CA MET A 40 -6.21 24.41 0.98
C MET A 40 -4.84 24.15 0.36
N ALA A 41 -4.76 24.19 -0.96
CA ALA A 41 -3.51 23.97 -1.65
C ALA A 41 -2.48 25.04 -1.26
N ARG A 42 -2.95 26.28 -1.17
CA ARG A 42 -2.10 27.45 -0.88
C ARG A 42 -1.46 27.45 0.53
N ALA A 43 -2.11 26.79 1.48
CA ALA A 43 -1.56 26.66 2.83
C ALA A 43 -0.38 25.69 2.89
N ARG A 44 -0.29 24.80 1.91
CA ARG A 44 0.77 23.79 1.91
C ARG A 44 1.92 24.23 1.00
N ILE A 45 1.58 24.63 -0.23
CA ILE A 45 2.56 25.07 -1.23
C ILE A 45 2.18 26.43 -1.85
N ARG A 46 3.09 27.00 -2.62
CA ARG A 46 2.75 28.16 -3.45
C ARG A 46 2.15 27.59 -4.74
N SER A 47 0.85 27.33 -4.68
CA SER A 47 0.12 26.69 -5.78
C SER A 47 -0.22 27.70 -6.85
N VAL A 48 0.13 27.37 -8.08
CA VAL A 48 -0.20 28.22 -9.22
C VAL A 48 -1.24 27.62 -10.18
N LEU A 49 -1.73 26.40 -9.91
CA LEU A 49 -2.75 25.79 -10.75
C LEU A 49 -4.09 25.77 -10.04
N PRO A 50 -5.15 26.31 -10.69
CA PRO A 50 -6.49 26.21 -10.10
C PRO A 50 -6.94 24.77 -9.89
N PHE A 51 -7.83 24.58 -8.92
CA PHE A 51 -8.45 23.28 -8.68
C PHE A 51 -8.88 22.59 -9.97
N ALA A 52 -9.63 23.29 -10.82
CA ALA A 52 -10.15 22.69 -12.05
C ALA A 52 -9.03 22.11 -12.92
N ILE A 53 -7.88 22.79 -12.97
CA ILE A 53 -6.77 22.34 -13.81
C ILE A 53 -6.10 21.12 -13.17
N ARG A 54 -5.87 21.17 -11.85
CA ARG A 54 -5.30 20.02 -11.12
C ARG A 54 -6.20 18.77 -11.23
N ALA A 55 -7.49 18.95 -11.02
CA ALA A 55 -8.45 17.85 -11.17
C ALA A 55 -8.41 17.28 -12.57
N GLU A 56 -8.40 18.13 -13.60
CA GLU A 56 -8.34 17.62 -14.99
C GLU A 56 -7.02 16.92 -15.28
N ASN A 57 -5.93 17.42 -14.72
CA ASN A 57 -4.64 16.74 -14.89
C ASN A 57 -4.68 15.33 -14.35
N VAL A 58 -5.31 15.16 -13.18
CA VAL A 58 -5.43 13.82 -12.58
C VAL A 58 -6.34 12.94 -13.44
N LYS A 59 -7.46 13.50 -13.84
CA LYS A 59 -8.43 12.77 -14.68
C LYS A 59 -7.80 12.28 -15.97
N ARG A 60 -7.03 13.15 -16.64
CA ARG A 60 -6.46 12.77 -17.93
C ARG A 60 -5.41 11.70 -17.78
N TYR A 61 -4.64 11.82 -16.71
CA TYR A 61 -3.57 10.84 -16.40
C TYR A 61 -4.19 9.45 -16.17
N VAL A 62 -5.19 9.40 -15.30
CA VAL A 62 -5.89 8.15 -15.02
C VAL A 62 -6.56 7.55 -16.28
N MET A 63 -7.21 8.39 -17.07
CA MET A 63 -7.80 7.90 -18.34
C MET A 63 -6.72 7.29 -19.23
N ARG A 64 -5.63 8.02 -19.41
N ARG A 64 -5.62 8.00 -19.45
CA ARG A 64 -4.52 7.61 -20.29
CA ARG A 64 -4.58 7.47 -20.36
C ARG A 64 -3.89 6.27 -19.89
C ARG A 64 -3.99 6.15 -19.88
N LYS A 65 -3.67 6.06 -18.58
CA LYS A 65 -2.97 4.88 -18.03
C LYS A 65 -3.89 3.73 -17.61
N TYR A 66 -5.10 4.05 -17.21
CA TYR A 66 -6.03 3.06 -16.64
C TYR A 66 -7.35 2.90 -17.34
N GLY A 67 -7.64 3.79 -18.29
CA GLY A 67 -8.81 3.63 -19.16
C GLY A 67 -10.14 3.95 -18.53
N PHE A 68 -10.15 4.72 -17.43
CA PHE A 68 -11.40 5.30 -16.92
C PHE A 68 -11.21 6.70 -16.36
N GLU A 69 -12.30 7.43 -16.29
CA GLU A 69 -12.32 8.71 -15.60
C GLU A 69 -12.67 8.52 -14.12
N PRO A 70 -11.74 8.82 -13.20
CA PRO A 70 -11.98 8.61 -11.78
C PRO A 70 -12.93 9.65 -11.19
N GLU A 71 -13.64 9.26 -10.13
CA GLU A 71 -14.42 10.21 -9.35
C GLU A 71 -13.45 11.15 -8.63
N ILE A 72 -13.61 12.45 -8.86
CA ILE A 72 -12.88 13.50 -8.16
C ILE A 72 -13.81 14.24 -7.22
N VAL A 73 -13.37 14.44 -6.00
CA VAL A 73 -14.12 15.26 -5.05
C VAL A 73 -13.21 16.37 -4.55
N LYS A 74 -13.73 17.59 -4.45
CA LYS A 74 -12.95 18.67 -3.88
C LYS A 74 -12.83 18.48 -2.37
N ILE A 75 -11.60 18.56 -1.89
CA ILE A 75 -11.30 18.52 -0.45
C ILE A 75 -11.33 19.96 0.06
N THR A 76 -12.24 20.25 0.98
CA THR A 76 -12.43 21.60 1.53
C THR A 76 -12.21 21.67 3.06
N ASN A 77 -11.80 20.55 3.64
CA ASN A 77 -11.34 20.52 5.02
C ASN A 77 -10.30 19.41 5.12
N PRO A 78 -9.53 19.38 6.22
CA PRO A 78 -8.42 18.42 6.32
C PRO A 78 -8.79 16.94 6.17
N TYR A 79 -10.02 16.61 6.53
CA TYR A 79 -10.48 15.24 6.50
C TYR A 79 -11.14 14.83 5.21
N GLY A 80 -11.49 15.81 4.38
CA GLY A 80 -12.36 15.53 3.23
C GLY A 80 -13.60 14.84 3.72
N LYS A 81 -13.94 13.73 3.07
CA LYS A 81 -15.10 12.94 3.44
C LYS A 81 -14.80 11.76 4.36
N THR A 82 -13.57 11.67 4.84
CA THR A 82 -13.13 10.45 5.50
C THR A 82 -13.66 10.24 6.91
N LEU A 83 -14.39 11.22 7.49
CA LEU A 83 -15.05 10.98 8.77
C LEU A 83 -16.49 10.54 8.60
N ASP A 84 -16.97 10.55 7.35
CA ASP A 84 -18.37 10.34 7.04
C ASP A 84 -18.53 9.04 6.24
N VAL A 85 -17.83 8.97 5.13
CA VAL A 85 -17.91 7.80 4.25
C VAL A 85 -17.09 6.67 4.80
N ASP A 86 -17.58 5.44 4.61
CA ASP A 86 -16.86 4.27 5.04
C ASP A 86 -16.00 3.86 3.85
N PHE A 87 -14.70 3.91 4.06
CA PHE A 87 -13.71 3.44 3.12
C PHE A 87 -13.06 2.19 3.70
N GLU A 88 -12.71 1.25 2.82
CA GLU A 88 -11.95 0.09 3.26
C GLU A 88 -10.44 0.41 3.46
N TYR A 89 -9.87 1.15 2.50
CA TYR A 89 -8.45 1.50 2.51
C TYR A 89 -8.33 3.02 2.31
N LEU A 90 -7.31 3.58 2.94
CA LEU A 90 -6.90 4.96 2.75
C LEU A 90 -5.43 4.92 2.37
N VAL A 91 -5.15 5.32 1.14
CA VAL A 91 -3.81 5.25 0.56
C VAL A 91 -3.16 6.62 0.73
N VAL A 92 -1.99 6.62 1.39
CA VAL A 92 -1.29 7.83 1.78
C VAL A 92 0.21 7.73 1.51
N SER A 93 0.87 8.87 1.52
CA SER A 93 2.30 8.96 1.38
C SER A 93 2.89 9.31 2.74
N PRO A 94 4.22 9.37 2.85
CA PRO A 94 4.78 9.80 4.14
C PRO A 94 4.33 11.19 4.56
N GLU A 95 4.00 12.04 3.59
CA GLU A 95 3.58 13.40 3.87
C GLU A 95 2.16 13.47 4.42
N THR A 96 1.38 12.44 4.16
CA THR A 96 -0.04 12.45 4.58
C THR A 96 -0.37 11.33 5.61
N TYR A 97 0.66 10.61 6.04
CA TYR A 97 0.45 9.50 6.97
C TYR A 97 -0.01 9.96 8.37
N GLU A 98 0.60 11.04 8.89
CA GLU A 98 0.16 11.52 10.19
C GLU A 98 -1.32 11.90 10.15
N MET A 99 -1.77 12.48 9.04
CA MET A 99 -3.16 12.90 8.94
C MET A 99 -4.05 11.64 8.89
N ALA A 100 -3.59 10.59 8.22
CA ALA A 100 -4.32 9.30 8.22
C ALA A 100 -4.53 8.78 9.63
N LEU A 101 -3.48 8.81 10.45
CA LEU A 101 -3.64 8.37 11.83
C LEU A 101 -4.68 9.21 12.57
N LYS A 102 -4.66 10.51 12.31
CA LYS A 102 -5.63 11.46 12.90
C LYS A 102 -7.08 11.14 12.45
N ILE A 103 -7.22 10.85 11.16
CA ILE A 103 -8.50 10.41 10.61
C ILE A 103 -9.07 9.21 11.41
N ASN A 104 -8.25 8.19 11.65
CA ASN A 104 -8.74 7.02 12.38
C ASN A 104 -9.04 7.34 13.84
N GLN A 105 -8.25 8.26 14.43
CA GLN A 105 -8.49 8.66 15.83
C GLN A 105 -9.85 9.31 15.95
N LYS A 106 -10.14 10.22 15.00
CA LYS A 106 -11.44 10.90 15.00
C LYS A 106 -12.59 9.97 14.65
N ARG A 107 -12.37 9.07 13.70
CA ARG A 107 -13.40 8.08 13.41
C ARG A 107 -13.72 7.29 14.68
N GLU A 108 -12.71 6.88 15.42
CA GLU A 108 -12.99 6.12 16.64
C GLU A 108 -13.80 6.98 17.63
N GLU A 109 -13.44 8.24 17.76
CA GLU A 109 -14.16 9.13 18.67
C GLU A 109 -15.63 9.31 18.26
N LEU A 110 -15.89 9.34 16.96
CA LEU A 110 -17.22 9.60 16.42
C LEU A 110 -18.10 8.34 16.38
N GLY A 111 -17.49 7.18 16.47
CA GLY A 111 -18.21 5.90 16.41
C GLY A 111 -18.27 5.32 15.01
N LYS A 112 -17.20 5.56 14.25
CA LYS A 112 -17.03 4.98 12.91
C LYS A 112 -15.94 3.92 12.93
N ARG A 113 -16.09 2.88 12.12
CA ARG A 113 -15.03 1.87 12.06
C ARG A 113 -13.78 2.45 11.45
N LYS A 114 -12.64 1.99 11.91
CA LYS A 114 -11.38 2.46 11.39
C LYS A 114 -11.23 2.01 9.92
N ILE A 115 -10.45 2.79 9.19
CA ILE A 115 -10.05 2.48 7.81
C ILE A 115 -8.64 1.87 7.83
N THR A 116 -8.38 0.88 6.98
CA THR A 116 -7.02 0.34 6.88
C THR A 116 -6.12 1.34 6.13
N ILE A 117 -5.08 1.81 6.80
CA ILE A 117 -4.14 2.75 6.20
C ILE A 117 -3.08 1.98 5.43
N VAL A 118 -2.89 2.44 4.20
CA VAL A 118 -1.89 1.88 3.28
C VAL A 118 -0.91 3.00 2.95
N LYS A 119 0.28 2.94 3.55
CA LYS A 119 1.26 3.98 3.41
C LYS A 119 2.22 3.58 2.32
N VAL A 120 2.29 4.39 1.29
CA VAL A 120 3.19 4.10 0.17
C VAL A 120 4.40 5.02 0.34
N ASP A 121 5.56 4.43 0.56
CA ASP A 121 6.82 5.21 0.69
C ASP A 121 7.26 5.58 -0.72
N TRP A 122 6.80 6.73 -1.14
CA TRP A 122 6.86 7.11 -2.55
C TRP A 122 8.20 7.69 -3.00
N MET A 123 9.16 7.79 -2.08
CA MET A 123 10.56 8.18 -2.37
C MET A 123 10.71 9.43 -3.24
N MET A 124 10.12 10.51 -2.74
CA MET A 124 10.29 11.83 -3.32
C MET A 124 11.26 12.66 -2.47
N SER A 132 15.89 7.12 -7.14
CA SER A 132 15.62 5.87 -7.85
C SER A 132 14.31 5.28 -7.44
N SER A 133 13.81 4.39 -8.28
CA SER A 133 12.98 3.27 -7.82
C SER A 133 12.77 2.28 -8.96
N THR A 134 12.58 1.02 -8.58
CA THR A 134 12.32 -0.05 -9.53
C THR A 134 11.09 0.33 -10.36
N ARG A 135 11.06 -0.15 -11.60
CA ARG A 135 9.95 0.15 -12.49
C ARG A 135 8.70 -0.55 -11.95
N ILE A 136 7.57 0.15 -12.06
CA ILE A 136 6.26 -0.42 -11.77
C ILE A 136 5.43 -0.38 -13.05
N LYS A 137 4.91 -1.54 -13.44
CA LYS A 137 4.00 -1.62 -14.57
C LYS A 137 2.62 -1.11 -14.16
N ARG A 138 2.27 0.10 -14.62
CA ARG A 138 0.97 0.71 -14.33
C ARG A 138 -0.15 -0.02 -15.04
N GLY A 139 -1.28 -0.14 -14.35
CA GLY A 139 -2.46 -0.74 -14.91
C GLY A 139 -3.21 -1.49 -13.82
N GLU A 140 -4.34 -2.07 -14.18
CA GLU A 140 -4.99 -3.02 -13.31
C GLU A 140 -4.38 -4.37 -13.69
N ILE A 141 -4.34 -5.31 -12.75
CA ILE A 141 -3.67 -6.59 -12.98
C ILE A 141 -4.61 -7.68 -13.55
N ASP A 142 -5.90 -7.63 -13.17
CA ASP A 142 -6.91 -8.70 -13.40
C ASP A 142 -6.53 -9.90 -14.28
N LYS B 2 6.31 -9.18 -9.21
CA LYS B 2 5.66 -7.89 -8.98
C LYS B 2 5.84 -7.50 -7.54
N VAL B 3 5.44 -8.39 -6.63
CA VAL B 3 5.31 -8.03 -5.22
C VAL B 3 6.09 -9.00 -4.32
N ALA B 4 6.81 -8.47 -3.34
CA ALA B 4 7.48 -9.25 -2.33
C ALA B 4 6.64 -9.08 -1.06
N LEU B 5 6.35 -10.19 -0.40
CA LEU B 5 5.66 -10.20 0.85
C LEU B 5 6.31 -11.30 1.69
N GLY B 6 6.63 -11.01 2.95
CA GLY B 6 7.26 -12.00 3.84
C GLY B 6 6.67 -11.90 5.22
N GLY B 7 6.70 -12.99 5.97
CA GLY B 7 6.26 -12.96 7.33
C GLY B 7 6.41 -14.31 7.99
N THR B 8 6.10 -14.31 9.28
CA THR B 8 6.08 -15.53 10.10
C THR B 8 4.66 -16.12 10.12
N PHE B 9 3.66 -15.25 10.16
CA PHE B 9 2.25 -15.67 10.03
C PHE B 9 1.77 -16.55 11.18
N GLU B 10 2.23 -16.25 12.40
CA GLU B 10 1.81 -16.99 13.60
C GLU B 10 1.33 -16.08 14.72
N PRO B 11 0.05 -16.21 15.13
CA PRO B 11 -1.03 -16.88 14.42
C PRO B 11 -1.36 -16.07 13.20
N LEU B 12 -2.19 -16.61 12.33
CA LEU B 12 -2.62 -15.88 11.16
C LEU B 12 -3.80 -14.98 11.54
N HIS B 13 -3.51 -13.71 11.76
CA HIS B 13 -4.48 -12.80 12.32
C HIS B 13 -4.99 -11.82 11.26
N GLU B 14 -5.88 -10.94 11.67
CA GLU B 14 -6.53 -10.04 10.72
C GLU B 14 -5.55 -9.08 10.05
N GLY B 15 -4.50 -8.70 10.76
CA GLY B 15 -3.46 -7.89 10.17
C GLY B 15 -2.77 -8.57 9.01
N HIS B 16 -2.47 -9.85 9.20
CA HIS B 16 -1.87 -10.67 8.11
C HIS B 16 -2.83 -10.74 6.94
N LYS B 17 -4.12 -10.85 7.26
CA LYS B 17 -5.14 -10.98 6.23
C LYS B 17 -5.23 -9.71 5.40
N LYS B 18 -5.13 -8.57 6.06
CA LYS B 18 -5.10 -7.30 5.32
C LYS B 18 -3.84 -7.19 4.45
N LEU B 19 -2.69 -7.57 5.02
CA LEU B 19 -1.41 -7.61 4.28
C LEU B 19 -1.52 -8.46 3.01
N ILE B 20 -2.04 -9.68 3.19
CA ILE B 20 -2.23 -10.60 2.06
C ILE B 20 -3.18 -10.03 1.03
N ASP B 21 -4.28 -9.38 1.46
CA ASP B 21 -5.22 -8.76 0.51
C ASP B 21 -4.53 -7.68 -0.34
N VAL B 22 -3.81 -6.77 0.30
CA VAL B 22 -3.09 -5.73 -0.41
C VAL B 22 -2.05 -6.36 -1.38
N ALA B 23 -1.29 -7.34 -0.92
CA ALA B 23 -0.27 -8.01 -1.77
C ALA B 23 -0.91 -8.65 -3.00
N ILE B 24 -2.05 -9.33 -2.81
CA ILE B 24 -2.71 -9.98 -3.95
C ILE B 24 -3.32 -8.98 -4.92
N LYS B 25 -3.89 -7.91 -4.38
CA LYS B 25 -4.41 -6.84 -5.25
C LYS B 25 -3.30 -6.19 -6.07
N LEU B 26 -2.12 -6.04 -5.47
CA LEU B 26 -1.00 -5.45 -6.18
C LEU B 26 -0.29 -6.42 -7.10
N GLY B 27 -0.25 -7.72 -6.75
CA GLY B 27 0.59 -8.67 -7.45
C GLY B 27 -0.14 -9.73 -8.24
N GLY B 28 -1.41 -9.93 -7.96
CA GLY B 28 -2.16 -10.96 -8.65
C GLY B 28 -1.84 -12.37 -8.21
N ARG B 29 -2.32 -13.31 -9.01
CA ARG B 29 -2.45 -14.72 -8.66
C ARG B 29 -1.15 -15.34 -8.84
N ASP B 30 -0.29 -14.48 -9.29
CA ASP B 30 1.12 -14.52 -9.42
C ASP B 30 2.01 -14.84 -8.27
N ILE B 31 1.68 -14.18 -7.18
CA ILE B 31 2.63 -13.86 -6.17
C ILE B 31 3.22 -15.11 -5.57
N THR B 32 4.43 -14.92 -5.12
CA THR B 32 5.03 -15.83 -4.16
C THR B 32 5.04 -15.13 -2.79
N ILE B 33 4.63 -15.85 -1.76
CA ILE B 33 4.68 -15.37 -0.38
C ILE B 33 5.85 -16.04 0.35
N GLY B 34 6.66 -15.24 1.01
CA GLY B 34 7.73 -15.78 1.82
C GLY B 34 7.26 -16.08 3.21
N VAL B 35 7.63 -17.24 3.74
CA VAL B 35 7.31 -17.60 5.12
C VAL B 35 8.63 -17.93 5.80
N THR B 36 8.87 -17.32 6.94
CA THR B 36 10.13 -17.48 7.67
C THR B 36 10.43 -18.93 8.08
N SER B 37 11.70 -19.28 8.01
CA SER B 37 12.18 -20.54 8.58
C SER B 37 11.92 -20.55 10.08
N ASP B 38 12.02 -21.72 10.72
CA ASP B 38 11.82 -21.77 12.17
C ASP B 38 12.83 -20.89 12.93
N ARG B 39 14.07 -20.90 12.47
CA ARG B 39 15.12 -20.09 13.08
C ARG B 39 14.79 -18.59 13.07
N MET B 40 14.46 -18.10 11.90
CA MET B 40 14.08 -16.71 11.72
C MET B 40 12.84 -16.35 12.48
N ALA B 41 11.84 -17.22 12.46
CA ALA B 41 10.67 -16.99 13.28
C ALA B 41 10.93 -16.82 14.78
N ARG B 42 11.76 -17.70 15.34
CA ARG B 42 12.06 -17.73 16.77
C ARG B 42 12.97 -16.58 17.23
N ALA B 43 13.69 -15.97 16.33
CA ALA B 43 14.46 -14.78 16.65
C ALA B 43 13.53 -13.63 16.90
N ARG B 44 12.44 -13.63 16.17
CA ARG B 44 11.52 -12.50 16.17
C ARG B 44 10.37 -12.70 17.15
N ILE B 45 9.98 -13.95 17.41
CA ILE B 45 8.82 -14.27 18.26
C ILE B 45 8.98 -15.62 18.98
N ARG B 46 8.18 -15.83 20.02
CA ARG B 46 8.10 -17.15 20.69
C ARG B 46 7.21 -18.09 19.85
N SER B 47 7.74 -18.46 18.68
CA SER B 47 7.00 -19.24 17.68
C SER B 47 6.97 -20.71 18.04
N VAL B 48 5.79 -21.31 17.97
CA VAL B 48 5.62 -22.73 18.31
C VAL B 48 5.06 -23.57 17.14
N LEU B 49 4.85 -22.95 15.97
CA LEU B 49 4.36 -23.68 14.80
C LEU B 49 5.51 -23.89 13.83
N PRO B 50 5.76 -25.13 13.40
CA PRO B 50 6.73 -25.40 12.34
C PRO B 50 6.42 -24.65 11.04
N PHE B 51 7.49 -24.32 10.30
CA PHE B 51 7.37 -23.76 8.96
C PHE B 51 6.27 -24.40 8.12
N ALA B 52 6.28 -25.73 8.01
CA ALA B 52 5.31 -26.42 7.16
C ALA B 52 3.87 -26.11 7.56
N ILE B 53 3.63 -26.00 8.87
CA ILE B 53 2.29 -25.68 9.38
C ILE B 53 1.90 -24.22 9.06
N ARG B 54 2.81 -23.29 9.32
CA ARG B 54 2.51 -21.90 9.00
C ARG B 54 2.29 -21.71 7.50
N ALA B 55 3.14 -22.32 6.69
CA ALA B 55 3.03 -22.20 5.24
C ALA B 55 1.69 -22.76 4.76
N GLU B 56 1.31 -23.94 5.27
CA GLU B 56 0.02 -24.52 4.88
C GLU B 56 -1.17 -23.68 5.36
N ASN B 57 -1.06 -23.05 6.53
CA ASN B 57 -2.14 -22.19 7.02
C ASN B 57 -2.35 -21.01 6.07
N VAL B 58 -1.23 -20.44 5.60
CA VAL B 58 -1.30 -19.33 4.65
C VAL B 58 -1.87 -19.82 3.31
N LYS B 59 -1.39 -20.96 2.84
CA LYS B 59 -1.84 -21.53 1.54
C LYS B 59 -3.34 -21.81 1.54
N ARG B 60 -3.85 -22.46 2.59
CA ARG B 60 -5.26 -22.78 2.63
C ARG B 60 -6.13 -21.55 2.78
N TYR B 61 -5.66 -20.57 3.53
CA TYR B 61 -6.39 -19.33 3.67
C TYR B 61 -6.55 -18.64 2.30
N VAL B 62 -5.46 -18.55 1.56
CA VAL B 62 -5.49 -17.88 0.27
C VAL B 62 -6.37 -18.64 -0.71
N MET B 63 -6.31 -19.96 -0.66
CA MET B 63 -7.21 -20.75 -1.50
C MET B 63 -8.68 -20.51 -1.14
N ARG B 64 -9.04 -20.55 0.16
CA ARG B 64 -10.43 -20.28 0.56
C ARG B 64 -10.90 -18.91 0.08
N LYS B 65 -10.07 -17.89 0.29
CA LYS B 65 -10.51 -16.53 0.09
C LYS B 65 -10.40 -16.04 -1.35
N TYR B 66 -9.35 -16.50 -2.06
CA TYR B 66 -9.05 -15.98 -3.40
C TYR B 66 -9.13 -17.02 -4.52
N GLY B 67 -9.20 -18.29 -4.16
CA GLY B 67 -9.37 -19.34 -5.14
C GLY B 67 -8.12 -19.81 -5.86
N PHE B 68 -6.96 -19.45 -5.34
CA PHE B 68 -5.71 -20.03 -5.84
C PHE B 68 -4.76 -20.41 -4.72
N GLU B 69 -3.87 -21.35 -5.01
CA GLU B 69 -2.83 -21.77 -4.10
C GLU B 69 -1.60 -20.93 -4.40
N PRO B 70 -1.22 -20.03 -3.48
CA PRO B 70 -0.04 -19.20 -3.71
C PRO B 70 1.24 -20.00 -3.63
N GLU B 71 2.26 -19.52 -4.32
CA GLU B 71 3.59 -20.05 -4.16
C GLU B 71 4.19 -19.53 -2.86
N ILE B 72 4.72 -20.47 -2.08
CA ILE B 72 5.37 -20.16 -0.81
C ILE B 72 6.84 -20.47 -0.93
N VAL B 73 7.69 -19.55 -0.47
CA VAL B 73 9.12 -19.82 -0.35
C VAL B 73 9.60 -19.62 1.08
N LYS B 74 10.50 -20.48 1.53
CA LYS B 74 11.09 -20.30 2.85
C LYS B 74 12.07 -19.15 2.85
N ILE B 75 11.92 -18.25 3.82
CA ILE B 75 12.85 -17.15 4.06
C ILE B 75 13.86 -17.64 5.09
N THR B 76 15.12 -17.78 4.67
CA THR B 76 16.15 -18.27 5.57
C THR B 76 17.10 -17.17 6.04
N ASN B 77 17.04 -16.00 5.40
CA ASN B 77 17.78 -14.84 5.87
C ASN B 77 16.94 -13.56 5.79
N PRO B 78 17.42 -12.46 6.39
CA PRO B 78 16.54 -11.31 6.54
C PRO B 78 16.14 -10.63 5.23
N TYR B 79 16.89 -10.87 4.15
CA TYR B 79 16.68 -10.17 2.90
C TYR B 79 15.80 -10.92 1.92
N GLY B 80 15.68 -12.23 2.10
CA GLY B 80 15.02 -13.07 1.10
C GLY B 80 15.63 -12.87 -0.28
N LYS B 81 14.77 -12.75 -1.30
CA LYS B 81 15.18 -12.52 -2.70
C LYS B 81 15.31 -11.02 -3.05
N THR B 82 15.18 -10.15 -2.03
CA THR B 82 14.99 -8.73 -2.26
C THR B 82 16.24 -7.94 -2.68
N LEU B 83 17.43 -8.55 -2.69
CA LEU B 83 18.63 -7.83 -3.19
C LEU B 83 18.91 -8.13 -4.65
N ASP B 84 18.26 -9.18 -5.15
CA ASP B 84 18.55 -9.75 -6.46
C ASP B 84 17.41 -9.60 -7.46
N VAL B 85 16.20 -9.33 -6.99
CA VAL B 85 15.05 -9.21 -7.86
C VAL B 85 14.55 -7.78 -7.75
N ASP B 86 14.23 -7.19 -8.90
CA ASP B 86 13.74 -5.83 -8.93
C ASP B 86 12.22 -5.82 -8.77
N PHE B 87 11.77 -6.11 -7.57
CA PHE B 87 10.33 -6.10 -7.29
C PHE B 87 9.73 -4.71 -7.49
N GLU B 88 8.45 -4.67 -7.89
CA GLU B 88 7.73 -3.39 -8.02
C GLU B 88 7.30 -2.84 -6.67
N TYR B 89 6.81 -3.74 -5.81
CA TYR B 89 6.35 -3.35 -4.49
C TYR B 89 6.83 -4.34 -3.43
N LEU B 90 7.13 -3.81 -2.24
CA LEU B 90 7.46 -4.64 -1.07
C LEU B 90 6.35 -4.34 -0.07
N VAL B 91 5.50 -5.31 0.17
CA VAL B 91 4.32 -5.14 1.01
C VAL B 91 4.64 -5.67 2.41
N VAL B 92 4.52 -4.79 3.40
CA VAL B 92 4.97 -5.02 4.74
C VAL B 92 3.93 -4.54 5.76
N SER B 93 4.14 -4.97 7.00
CA SER B 93 3.29 -4.60 8.15
C SER B 93 4.15 -3.76 9.08
N PRO B 94 3.56 -3.23 10.17
CA PRO B 94 4.34 -2.54 11.19
C PRO B 94 5.49 -3.38 11.71
N GLU B 95 5.34 -4.69 11.69
CA GLU B 95 6.36 -5.56 12.25
C GLU B 95 7.50 -5.86 11.29
N THR B 96 7.28 -5.67 10.00
CA THR B 96 8.31 -5.93 8.99
C THR B 96 8.81 -4.65 8.29
N TYR B 97 8.26 -3.49 8.65
CA TYR B 97 8.63 -2.22 8.02
C TYR B 97 10.08 -1.84 8.21
N GLU B 98 10.60 -1.95 9.44
CA GLU B 98 12.00 -1.55 9.66
C GLU B 98 12.95 -2.38 8.82
N MET B 99 12.68 -3.66 8.67
CA MET B 99 13.50 -4.48 7.78
C MET B 99 13.38 -4.09 6.31
N ALA B 100 12.19 -3.70 5.88
CA ALA B 100 12.04 -3.18 4.53
C ALA B 100 12.94 -1.96 4.30
N LEU B 101 13.03 -1.06 5.28
CA LEU B 101 13.89 0.09 5.15
C LEU B 101 15.36 -0.36 5.03
N LYS B 102 15.73 -1.37 5.80
CA LYS B 102 17.09 -1.94 5.74
C LYS B 102 17.37 -2.58 4.37
N ILE B 103 16.37 -3.26 3.82
CA ILE B 103 16.49 -3.86 2.49
C ILE B 103 16.79 -2.76 1.46
N ASN B 104 16.01 -1.69 1.46
CA ASN B 104 16.24 -0.60 0.53
C ASN B 104 17.57 0.11 0.73
N GLN B 105 17.95 0.31 1.99
CA GLN B 105 19.27 0.90 2.27
C GLN B 105 20.37 0.03 1.66
N LYS B 106 20.27 -1.29 1.81
CA LYS B 106 21.24 -2.21 1.25
C LYS B 106 21.21 -2.22 -0.27
N ARG B 107 20.03 -2.27 -0.87
CA ARG B 107 19.92 -2.14 -2.34
C ARG B 107 20.63 -0.89 -2.86
N GLU B 108 20.41 0.24 -2.22
CA GLU B 108 21.00 1.48 -2.70
C GLU B 108 22.51 1.43 -2.56
N GLU B 109 22.98 0.83 -1.47
CA GLU B 109 24.43 0.68 -1.25
C GLU B 109 25.07 -0.18 -2.35
N LEU B 110 24.29 -1.11 -2.90
CA LEU B 110 24.71 -1.97 -4.01
C LEU B 110 24.35 -1.46 -5.42
N GLY B 111 23.87 -0.22 -5.51
CA GLY B 111 23.64 0.43 -6.80
C GLY B 111 22.34 -0.02 -7.44
N LYS B 112 21.51 -0.72 -6.65
CA LYS B 112 20.20 -1.20 -7.11
C LYS B 112 19.12 -0.15 -6.85
N ARG B 113 18.09 -0.11 -7.68
CA ARG B 113 16.98 0.80 -7.45
C ARG B 113 16.23 0.34 -6.22
N LYS B 114 15.79 1.27 -5.39
CA LYS B 114 14.95 0.92 -4.24
C LYS B 114 13.56 0.45 -4.72
N ILE B 115 12.96 -0.44 -3.94
CA ILE B 115 11.62 -0.96 -4.19
C ILE B 115 10.63 -0.07 -3.47
N THR B 116 9.50 0.23 -4.07
CA THR B 116 8.48 1.00 -3.33
C THR B 116 7.90 0.15 -2.22
N ILE B 117 8.03 0.63 -1.00
CA ILE B 117 7.47 -0.05 0.18
C ILE B 117 6.03 0.38 0.41
N VAL B 118 5.18 -0.62 0.66
CA VAL B 118 3.74 -0.41 0.90
C VAL B 118 3.47 -1.01 2.26
N LYS B 119 3.22 -0.15 3.23
CA LYS B 119 3.04 -0.56 4.62
C LYS B 119 1.55 -0.60 4.91
N VAL B 120 1.08 -1.79 5.29
CA VAL B 120 -0.33 -1.99 5.59
C VAL B 120 -0.45 -1.97 7.12
N ASP B 121 -1.01 -0.89 7.65
CA ASP B 121 -1.08 -0.67 9.11
C ASP B 121 -2.13 -1.56 9.73
N TRP B 122 -1.81 -2.28 10.77
CA TRP B 122 -2.74 -3.35 11.13
C TRP B 122 -3.26 -3.35 12.53
N MET B 123 -3.17 -2.21 13.21
CA MET B 123 -4.10 -1.92 14.29
C MET B 123 -4.25 -3.10 15.29
N MET B 124 -3.14 -3.81 15.54
CA MET B 124 -3.19 -5.11 16.25
C MET B 124 -2.91 -4.94 17.74
#